data_6HH1
#
_entry.id   6HH1
#
_cell.length_a   65.614
_cell.length_b   65.614
_cell.length_c   159.004
_cell.angle_alpha   90.000
_cell.angle_beta   90.000
_cell.angle_gamma   120.000
#
_symmetry.space_group_name_H-M   'P 32 2 1'
#
loop_
_entity.id
_entity.type
_entity.pdbx_description
1 polymer 'Mast/stem cell growth factor receptor Kit,Mast/stem cell growth factor receptor Kit'
2 non-polymer 'PHOSPHATE ION'
3 non-polymer ~{N}-(2,3-dimethylphenyl)-5-(4-pyridin-4-yloxyphenyl)-4~{H}-1,2,4-triazol-3-amine
4 water water
#
_entity_poly.entity_id   1
_entity_poly.type   'polypeptide(L)'
_entity_poly.pdbx_seq_one_letter_code
;GNNYVYIDPTQLPYDHKWEFPRNRLSFGKTLGAGAFGKVVEATAYGLIKSDAAMTVAVKMLKPSAHLTEREALMSELKVL
SYLGNHMNIVNLLGACTIGGPTLVITEYCCYGDLLNFLRRKRDSFICSKTSPAIELALDLEDLLSFSYQVAKGMAFLASK
NCIHRDLAARNILLTHGRITKICDFGLARDIKNDSNYVVKGNARLPVKWMAPESIFNCVYTFESDVWSYGIFLWELFSLG
SSPYPGMPVDSKFYKMIKEGFRMLSPEHAPAEMYDIMKTCWDADPLKRPTFKQIVQLIEKQIS
;
_entity_poly.pdbx_strand_id   A
#
# COMPACT_ATOMS: atom_id res chain seq x y z
N GLY A 1 -6.46 -19.56 2.16
CA GLY A 1 -6.85 -20.68 3.06
C GLY A 1 -7.90 -20.25 4.09
N ASN A 2 -7.70 -20.60 5.36
CA ASN A 2 -8.69 -20.42 6.45
C ASN A 2 -8.84 -18.94 6.83
N ASN A 3 -10.08 -18.40 6.79
CA ASN A 3 -10.54 -16.99 6.97
C ASN A 3 -10.61 -16.58 8.45
N TYR A 4 -10.25 -17.51 9.36
CA TYR A 4 -10.39 -17.43 10.85
C TYR A 4 -9.02 -17.22 11.53
N VAL A 5 -7.89 -17.39 10.80
CA VAL A 5 -6.50 -17.19 11.33
C VAL A 5 -5.72 -16.18 10.45
N TYR A 6 -4.69 -15.58 11.05
CA TYR A 6 -3.82 -14.54 10.45
C TYR A 6 -2.39 -14.86 10.92
N ILE A 7 -1.39 -14.45 10.12
CA ILE A 7 0.06 -14.57 10.46
C ILE A 7 0.40 -13.48 11.47
N ASP A 8 0.91 -13.86 12.64
CA ASP A 8 1.19 -12.90 13.76
C ASP A 8 2.64 -12.48 13.64
N PRO A 9 2.87 -11.23 13.19
CA PRO A 9 4.20 -10.79 12.78
C PRO A 9 5.23 -11.02 13.91
N THR A 10 4.89 -10.50 15.10
CA THR A 10 5.76 -10.49 16.31
C THR A 10 6.13 -11.93 16.72
N GLN A 11 5.72 -12.95 15.96
CA GLN A 11 5.92 -14.35 16.41
C GLN A 11 6.84 -15.05 15.41
N LEU A 12 7.34 -14.35 14.41
CA LEU A 12 8.31 -14.91 13.40
C LEU A 12 9.73 -14.73 13.93
N PRO A 13 10.57 -15.80 14.02
CA PRO A 13 12.01 -15.61 14.27
C PRO A 13 12.78 -15.12 13.02
N TYR A 14 13.77 -14.22 13.15
CA TYR A 14 14.52 -13.64 12.00
C TYR A 14 15.42 -14.72 11.40
N ASP A 15 15.38 -14.88 10.09
CA ASP A 15 16.17 -15.91 9.39
C ASP A 15 17.40 -15.25 8.75
N HIS A 16 18.59 -15.56 9.27
CA HIS A 16 19.91 -14.91 8.99
C HIS A 16 20.37 -15.10 7.53
N LYS A 17 19.70 -15.93 6.73
CA LYS A 17 19.97 -16.10 5.27
C LYS A 17 19.71 -14.80 4.50
N TRP A 18 19.16 -13.78 5.15
CA TRP A 18 18.86 -12.45 4.57
C TRP A 18 20.08 -11.56 4.76
N GLU A 19 20.95 -11.96 5.67
CA GLU A 19 22.06 -11.11 6.17
C GLU A 19 22.94 -10.76 4.98
N PHE A 20 23.26 -9.47 4.87
CA PHE A 20 24.09 -8.83 3.83
C PHE A 20 25.15 -7.96 4.52
N PRO A 21 26.44 -8.01 4.09
CA PRO A 21 27.46 -7.08 4.62
C PRO A 21 27.07 -5.60 4.45
N ARG A 22 27.06 -4.85 5.56
CA ARG A 22 26.67 -3.42 5.58
CA ARG A 22 26.82 -3.39 5.74
C ARG A 22 27.71 -2.59 4.80
N ASN A 23 28.96 -3.03 4.70
CA ASN A 23 30.05 -2.41 3.91
C ASN A 23 29.71 -2.39 2.40
N ARG A 24 28.80 -3.22 1.89
CA ARG A 24 28.49 -3.19 0.43
C ARG A 24 27.34 -2.25 0.06
N LEU A 25 26.76 -1.51 1.01
CA LEU A 25 25.75 -0.47 0.72
C LEU A 25 26.42 0.90 0.69
N SER A 26 25.99 1.74 -0.26
CA SER A 26 26.40 3.16 -0.41
C SER A 26 25.14 4.05 -0.55
N PHE A 27 24.80 4.79 0.51
CA PHE A 27 23.55 5.58 0.69
C PHE A 27 23.54 6.81 -0.22
N GLY A 28 22.39 7.17 -0.80
CA GLY A 28 22.10 8.40 -1.58
C GLY A 28 20.94 9.21 -1.00
N LYS A 29 20.03 9.74 -1.83
CA LYS A 29 18.98 10.69 -1.34
C LYS A 29 17.89 9.94 -0.52
N THR A 30 17.19 10.64 0.37
CA THR A 30 16.11 10.10 1.23
C THR A 30 14.80 10.08 0.41
N LEU A 31 14.01 9.00 0.45
CA LEU A 31 12.75 8.86 -0.36
C LEU A 31 11.48 9.14 0.49
N GLY A 32 11.54 8.97 1.82
CA GLY A 32 10.46 9.22 2.79
C GLY A 32 10.96 9.08 4.22
N ALA A 33 10.32 9.72 5.20
CA ALA A 33 10.77 9.71 6.61
C ALA A 33 9.59 9.98 7.55
N GLY A 34 9.40 9.11 8.55
CA GLY A 34 8.47 9.30 9.69
C GLY A 34 9.17 9.90 10.89
N ALA A 35 8.59 9.73 12.09
CA ALA A 35 9.09 10.32 13.36
C ALA A 35 10.36 9.60 13.79
N PHE A 36 10.39 8.28 13.58
CA PHE A 36 11.41 7.29 14.06
C PHE A 36 11.98 6.47 12.88
N GLY A 37 11.38 6.53 11.68
CA GLY A 37 11.85 5.76 10.50
C GLY A 37 12.20 6.63 9.29
N LYS A 38 12.89 6.02 8.31
CA LYS A 38 13.15 6.66 6.99
C LYS A 38 13.58 5.64 5.94
N VAL A 39 13.45 5.99 4.68
CA VAL A 39 13.80 5.06 3.59
C VAL A 39 14.72 5.85 2.70
N VAL A 40 15.96 5.38 2.50
CA VAL A 40 16.91 6.07 1.56
C VAL A 40 17.10 5.18 0.33
N GLU A 41 17.25 5.81 -0.83
CA GLU A 41 17.79 5.15 -2.03
C GLU A 41 19.31 4.91 -1.87
N ALA A 42 19.80 3.71 -2.26
CA ALA A 42 21.19 3.26 -2.16
C ALA A 42 21.63 2.41 -3.36
N THR A 43 22.92 2.03 -3.34
CA THR A 43 23.60 1.07 -4.25
C THR A 43 24.07 -0.11 -3.41
N ALA A 44 23.91 -1.34 -3.93
CA ALA A 44 24.35 -2.61 -3.30
C ALA A 44 25.15 -3.42 -4.32
N TYR A 45 26.33 -3.87 -3.90
CA TYR A 45 27.32 -4.60 -4.75
C TYR A 45 27.26 -6.08 -4.38
N GLY A 46 26.91 -6.89 -5.39
CA GLY A 46 26.94 -8.36 -5.33
C GLY A 46 25.74 -8.94 -4.59
N LEU A 47 24.61 -8.22 -4.53
CA LEU A 47 23.41 -8.67 -3.76
C LEU A 47 22.67 -9.78 -4.53
N ILE A 48 22.40 -9.65 -5.83
CA ILE A 48 21.81 -10.80 -6.56
C ILE A 48 22.87 -11.36 -7.51
N LYS A 49 23.71 -10.52 -8.13
CA LYS A 49 24.70 -11.01 -9.14
C LYS A 49 26.13 -10.78 -8.62
N SER A 50 27.00 -11.79 -8.79
CA SER A 50 28.33 -11.94 -8.14
C SER A 50 29.11 -10.62 -8.04
N ASP A 51 29.27 -9.80 -9.08
CA ASP A 51 29.98 -8.51 -8.83
C ASP A 51 29.39 -7.43 -9.72
N ALA A 52 28.15 -7.06 -9.43
CA ALA A 52 27.41 -5.93 -10.04
C ALA A 52 26.75 -5.09 -8.94
N ALA A 53 26.71 -3.75 -9.12
CA ALA A 53 25.87 -2.77 -8.40
C ALA A 53 24.43 -2.90 -8.87
N MET A 54 23.45 -2.82 -7.96
CA MET A 54 22.02 -2.57 -8.34
C MET A 54 21.45 -1.46 -7.45
N THR A 55 20.38 -0.79 -7.91
CA THR A 55 19.69 0.25 -7.09
C THR A 55 18.71 -0.41 -6.11
N VAL A 56 18.59 0.10 -4.88
CA VAL A 56 17.80 -0.56 -3.82
C VAL A 56 17.17 0.52 -2.99
N ALA A 57 16.14 0.18 -2.22
CA ALA A 57 15.60 0.99 -1.12
C ALA A 57 16.06 0.41 0.20
N VAL A 58 16.40 1.26 1.18
CA VAL A 58 16.87 0.81 2.51
C VAL A 58 16.06 1.56 3.59
N LYS A 59 15.40 0.78 4.46
CA LYS A 59 14.61 1.30 5.61
C LYS A 59 15.42 1.12 6.89
N MET A 60 15.38 2.14 7.73
CA MET A 60 16.18 2.21 8.97
C MET A 60 15.56 3.19 9.97
N LEU A 61 16.07 3.16 11.19
CA LEU A 61 15.63 4.01 12.31
C LEU A 61 16.34 5.35 12.17
N LYS A 62 15.68 6.43 12.52
CA LYS A 62 16.43 7.66 12.82
C LYS A 62 17.24 7.40 14.09
N PRO A 63 18.41 8.04 14.27
CA PRO A 63 19.08 8.04 15.59
C PRO A 63 18.21 8.58 16.74
N SER A 64 17.28 9.48 16.43
CA SER A 64 16.35 10.09 17.41
C SER A 64 15.47 9.00 18.05
N ALA A 65 15.26 7.84 17.38
CA ALA A 65 14.50 6.73 18.00
C ALA A 65 15.28 6.10 19.17
N HIS A 66 16.62 6.06 19.09
CA HIS A 66 17.49 5.39 20.10
C HIS A 66 16.97 3.96 20.32
N LEU A 67 16.79 3.20 19.23
CA LEU A 67 16.58 1.73 19.30
C LEU A 67 15.25 1.41 20.00
N THR A 68 14.37 2.38 20.23
CA THR A 68 13.09 2.13 20.93
C THR A 68 12.12 1.46 19.96
N GLU A 69 12.34 1.55 18.65
CA GLU A 69 11.36 0.96 17.68
C GLU A 69 12.00 -0.25 16.99
N ARG A 70 13.14 -0.72 17.53
CA ARG A 70 13.91 -1.90 17.05
C ARG A 70 12.99 -3.11 16.85
N GLU A 71 12.16 -3.50 17.83
CA GLU A 71 11.19 -4.65 17.74
C GLU A 71 10.20 -4.41 16.58
N ALA A 72 9.70 -3.18 16.46
CA ALA A 72 8.64 -2.82 15.50
C ALA A 72 9.24 -2.84 14.10
N LEU A 73 10.52 -2.47 13.93
CA LEU A 73 11.25 -2.62 12.64
C LEU A 73 11.59 -4.08 12.34
N MET A 74 12.03 -4.84 13.34
CA MET A 74 12.30 -6.29 13.16
C MET A 74 11.02 -7.00 12.76
N SER A 75 9.90 -6.68 13.40
CA SER A 75 8.56 -7.17 12.98
C SER A 75 8.31 -6.80 11.52
N GLU A 76 8.58 -5.56 11.14
CA GLU A 76 8.47 -5.04 9.73
C GLU A 76 9.35 -5.89 8.79
N LEU A 77 10.55 -6.30 9.25
CA LEU A 77 11.49 -7.16 8.48
C LEU A 77 10.94 -8.59 8.42
N LYS A 78 10.36 -9.09 9.52
CA LYS A 78 9.87 -10.50 9.62
C LYS A 78 8.62 -10.67 8.73
N VAL A 79 7.77 -9.63 8.61
CA VAL A 79 6.56 -9.71 7.72
C VAL A 79 7.02 -9.84 6.25
N LEU A 80 7.83 -8.90 5.73
CA LEU A 80 8.41 -8.92 4.33
C LEU A 80 9.13 -10.25 4.07
N SER A 81 9.76 -10.85 5.07
CA SER A 81 10.48 -12.13 4.89
C SER A 81 9.49 -13.27 4.68
N TYR A 82 8.31 -13.23 5.32
CA TYR A 82 7.32 -14.34 5.26
C TYR A 82 6.65 -14.33 3.87
N LEU A 83 6.45 -13.12 3.30
CA LEU A 83 5.65 -12.90 2.06
C LEU A 83 6.39 -13.44 0.82
N GLY A 84 7.58 -13.95 1.01
CA GLY A 84 8.50 -14.33 -0.09
C GLY A 84 8.55 -13.24 -1.15
N ASN A 85 8.16 -13.57 -2.35
CA ASN A 85 8.37 -12.68 -3.51
C ASN A 85 7.24 -12.98 -4.49
N HIS A 86 6.35 -12.02 -4.65
CA HIS A 86 5.30 -11.91 -5.67
C HIS A 86 5.57 -10.62 -6.44
N MET A 87 5.16 -10.58 -7.69
CA MET A 87 5.36 -9.46 -8.66
C MET A 87 4.69 -8.19 -8.11
N ASN A 88 3.51 -8.26 -7.43
CA ASN A 88 2.68 -7.05 -7.16
C ASN A 88 2.77 -6.66 -5.68
N ILE A 89 3.88 -7.01 -5.04
CA ILE A 89 4.21 -6.74 -3.63
C ILE A 89 5.68 -6.33 -3.61
N VAL A 90 6.02 -5.24 -2.96
CA VAL A 90 7.46 -4.86 -2.90
C VAL A 90 8.18 -6.05 -2.23
N ASN A 91 9.25 -6.61 -2.81
CA ASN A 91 9.95 -7.78 -2.21
C ASN A 91 11.22 -7.36 -1.41
N LEU A 92 11.49 -8.13 -0.36
CA LEU A 92 12.75 -8.09 0.46
C LEU A 92 13.89 -8.69 -0.34
N LEU A 93 15.04 -8.01 -0.35
CA LEU A 93 16.29 -8.47 -1.00
C LEU A 93 17.32 -8.84 0.06
N GLY A 94 17.38 -8.13 1.22
CA GLY A 94 18.37 -8.40 2.26
C GLY A 94 18.18 -7.54 3.49
N ALA A 95 18.98 -7.81 4.52
CA ALA A 95 18.99 -7.10 5.82
C ALA A 95 20.43 -7.13 6.39
N CYS A 96 20.80 -6.01 7.02
CA CYS A 96 21.99 -5.81 7.89
C CYS A 96 21.45 -5.61 9.32
N THR A 97 21.41 -6.68 10.11
CA THR A 97 20.97 -6.67 11.52
C THR A 97 22.16 -6.72 12.49
N ILE A 98 23.32 -7.25 12.05
CA ILE A 98 24.47 -7.53 12.95
C ILE A 98 25.57 -6.48 12.75
N GLY A 99 26.18 -6.02 13.85
CA GLY A 99 27.26 -5.01 13.88
C GLY A 99 26.79 -3.57 13.68
N GLY A 100 25.48 -3.28 13.64
CA GLY A 100 25.07 -1.86 13.57
C GLY A 100 23.55 -1.64 13.52
N PRO A 101 23.14 -0.41 13.13
CA PRO A 101 21.74 -0.07 12.92
C PRO A 101 21.02 -1.04 11.98
N THR A 102 19.74 -1.31 12.23
CA THR A 102 19.02 -2.33 11.46
C THR A 102 18.69 -1.72 10.11
N LEU A 103 19.08 -2.44 9.04
CA LEU A 103 18.89 -2.03 7.63
C LEU A 103 18.01 -3.08 6.98
N VAL A 104 16.89 -2.64 6.43
CA VAL A 104 15.97 -3.49 5.62
C VAL A 104 16.11 -3.09 4.16
N ILE A 105 16.60 -4.02 3.33
CA ILE A 105 16.89 -3.77 1.87
C ILE A 105 15.74 -4.34 1.01
N THR A 106 15.02 -3.47 0.30
CA THR A 106 13.92 -3.87 -0.62
C THR A 106 14.29 -3.46 -2.04
N GLU A 107 13.53 -3.94 -3.03
CA GLU A 107 13.63 -3.44 -4.41
C GLU A 107 13.34 -1.93 -4.36
N TYR A 108 13.99 -1.20 -5.24
CA TYR A 108 13.75 0.23 -5.51
C TYR A 108 12.64 0.30 -6.57
N CYS A 109 11.61 1.16 -6.41
CA CYS A 109 10.56 1.38 -7.44
C CYS A 109 10.75 2.78 -8.02
N CYS A 110 11.04 2.90 -9.31
CA CYS A 110 11.62 4.17 -9.86
C CYS A 110 10.57 5.27 -9.94
N TYR A 111 9.28 4.98 -10.12
CA TYR A 111 8.24 6.05 -10.30
C TYR A 111 7.59 6.46 -8.99
N GLY A 112 8.04 5.93 -7.84
CA GLY A 112 7.49 6.23 -6.51
C GLY A 112 6.04 5.79 -6.38
N ASP A 113 5.30 6.49 -5.49
CA ASP A 113 4.00 6.10 -4.95
C ASP A 113 2.95 6.42 -5.99
N LEU A 114 1.90 5.62 -6.09
CA LEU A 114 0.89 5.70 -7.17
C LEU A 114 0.08 6.99 -7.08
N LEU A 115 -0.09 7.53 -5.86
CA LEU A 115 -0.93 8.72 -5.58
C LEU A 115 -0.29 9.97 -6.20
N ASN A 116 0.99 10.26 -5.97
CA ASN A 116 1.67 11.43 -6.61
C ASN A 116 1.81 11.25 -8.14
N PHE A 117 1.99 10.01 -8.63
CA PHE A 117 2.04 9.72 -10.10
C PHE A 117 0.69 10.02 -10.75
N LEU A 118 -0.38 9.56 -10.14
CA LEU A 118 -1.75 9.82 -10.68
C LEU A 118 -1.95 11.34 -10.82
N ARG A 119 -1.62 12.12 -9.79
CA ARG A 119 -1.69 13.61 -9.74
C ARG A 119 -0.79 14.29 -10.80
N ARG A 120 0.45 13.86 -10.98
CA ARG A 120 1.37 14.47 -11.99
C ARG A 120 0.96 14.02 -13.43
N LYS A 121 0.18 12.93 -13.58
CA LYS A 121 -0.22 12.38 -14.91
C LYS A 121 -1.66 12.75 -15.30
N ARG A 122 -2.36 13.54 -14.50
CA ARG A 122 -3.76 13.98 -14.81
C ARG A 122 -3.83 14.59 -16.21
N ASP A 123 -2.94 15.51 -16.51
CA ASP A 123 -3.04 16.33 -17.74
C ASP A 123 -3.03 15.41 -18.99
N SER A 124 -2.13 14.42 -19.07
CA SER A 124 -2.05 13.56 -20.27
C SER A 124 -3.24 12.58 -20.31
N PHE A 125 -3.83 12.20 -19.17
CA PHE A 125 -5.04 11.35 -19.11
C PHE A 125 -6.14 12.13 -19.80
N ILE A 126 -6.32 13.37 -19.33
CA ILE A 126 -7.39 14.25 -19.86
C ILE A 126 -7.18 14.40 -21.38
N CYS A 127 -5.98 14.72 -21.85
CA CYS A 127 -5.66 14.92 -23.30
C CYS A 127 -5.72 13.60 -24.10
N SER A 128 -5.66 12.42 -23.45
CA SER A 128 -5.74 11.05 -24.07
C SER A 128 -7.11 10.82 -24.74
N LYS A 129 -8.15 11.53 -24.28
CA LYS A 129 -9.54 11.38 -24.80
C LYS A 129 -9.98 9.93 -24.64
N THR A 130 -9.48 9.22 -23.62
CA THR A 130 -9.93 7.83 -23.31
C THR A 130 -10.89 7.76 -22.11
N SER A 131 -11.18 8.86 -21.39
CA SER A 131 -12.15 8.93 -20.24
C SER A 131 -13.51 8.37 -20.64
N PRO A 132 -14.08 7.42 -19.86
CA PRO A 132 -15.45 6.95 -20.07
C PRO A 132 -16.55 8.03 -20.17
N ALA A 133 -16.34 9.21 -19.55
CA ALA A 133 -17.30 10.35 -19.57
C ALA A 133 -17.36 11.05 -20.95
N ILE A 134 -16.40 10.81 -21.86
CA ILE A 134 -16.44 11.36 -23.25
C ILE A 134 -17.49 10.61 -24.06
N GLU A 135 7.75 10.66 -21.97
CA GLU A 135 7.29 9.33 -21.49
C GLU A 135 6.03 8.94 -22.29
N LEU A 136 5.26 7.99 -21.76
CA LEU A 136 3.96 7.56 -22.35
C LEU A 136 2.82 8.16 -21.51
N ALA A 137 1.77 8.54 -22.21
CA ALA A 137 0.51 9.11 -21.68
C ALA A 137 -0.11 8.14 -20.66
N LEU A 138 -0.88 8.65 -19.71
CA LEU A 138 -1.79 7.76 -18.95
C LEU A 138 -3.12 7.72 -19.69
N ASP A 139 -3.78 6.56 -19.74
CA ASP A 139 -5.10 6.41 -20.41
C ASP A 139 -5.91 5.39 -19.60
N LEU A 140 -7.09 5.02 -20.05
CA LEU A 140 -8.01 4.15 -19.29
C LEU A 140 -7.41 2.76 -19.08
N GLU A 141 -6.82 2.21 -20.15
CA GLU A 141 -6.17 0.88 -20.10
C GLU A 141 -5.17 0.85 -18.94
N ASP A 142 -4.42 1.93 -18.69
CA ASP A 142 -3.47 1.93 -17.54
C ASP A 142 -4.25 1.84 -16.22
N LEU A 143 -5.39 2.50 -16.10
CA LEU A 143 -6.09 2.52 -14.80
C LEU A 143 -6.74 1.15 -14.57
N LEU A 144 -7.16 0.47 -15.61
CA LEU A 144 -7.71 -0.93 -15.55
C LEU A 144 -6.60 -1.90 -15.17
N SER A 145 -5.42 -1.80 -15.76
CA SER A 145 -4.23 -2.62 -15.37
C SER A 145 -3.90 -2.40 -13.89
N PHE A 146 -3.88 -1.17 -13.39
CA PHE A 146 -3.54 -0.92 -11.97
C PHE A 146 -4.60 -1.57 -11.05
N SER A 147 -5.90 -1.47 -11.38
CA SER A 147 -7.02 -2.16 -10.68
CA SER A 147 -6.97 -2.13 -10.60
C SER A 147 -6.72 -3.65 -10.58
N TYR A 148 -6.45 -4.27 -11.74
CA TYR A 148 -6.16 -5.71 -11.82
C TYR A 148 -4.95 -6.04 -10.96
N GLN A 149 -3.83 -5.34 -11.12
CA GLN A 149 -2.55 -5.68 -10.44
C GLN A 149 -2.70 -5.62 -8.92
N VAL A 150 -3.34 -4.59 -8.41
CA VAL A 150 -3.49 -4.38 -6.94
C VAL A 150 -4.44 -5.46 -6.40
N ALA A 151 -5.45 -5.87 -7.16
CA ALA A 151 -6.33 -7.00 -6.80
C ALA A 151 -5.53 -8.30 -6.67
N LYS A 152 -4.71 -8.64 -7.67
CA LYS A 152 -3.89 -9.87 -7.72
C LYS A 152 -2.94 -9.86 -6.52
N GLY A 153 -2.33 -8.72 -6.25
CA GLY A 153 -1.46 -8.52 -5.08
C GLY A 153 -2.19 -8.75 -3.75
N MET A 154 -3.38 -8.17 -3.61
CA MET A 154 -4.18 -8.31 -2.36
C MET A 154 -4.70 -9.76 -2.25
N ALA A 155 -5.07 -10.43 -3.36
CA ALA A 155 -5.47 -11.85 -3.36
C ALA A 155 -4.30 -12.71 -2.85
N PHE A 156 -3.05 -12.35 -3.19
CA PHE A 156 -1.84 -13.10 -2.75
C PHE A 156 -1.67 -12.95 -1.24
N LEU A 157 -1.70 -11.72 -0.72
CA LEU A 157 -1.63 -11.44 0.75
C LEU A 157 -2.72 -12.24 1.52
N ALA A 158 -3.95 -12.34 0.99
CA ALA A 158 -5.07 -13.10 1.58
C ALA A 158 -4.71 -14.58 1.57
N SER A 159 -4.21 -15.08 0.43
CA SER A 159 -3.71 -16.46 0.24
C SER A 159 -2.69 -16.79 1.34
N LYS A 160 -1.95 -15.81 1.84
CA LYS A 160 -0.89 -15.98 2.89
C LYS A 160 -1.43 -15.67 4.29
N ASN A 161 -2.74 -15.40 4.44
CA ASN A 161 -3.39 -15.07 5.74
C ASN A 161 -2.70 -13.84 6.32
N CYS A 162 -2.45 -12.87 5.46
CA CYS A 162 -1.77 -11.59 5.81
CA CYS A 162 -1.77 -11.59 5.81
C CYS A 162 -2.77 -10.46 5.60
N ILE A 163 -2.88 -9.58 6.60
CA ILE A 163 -3.79 -8.39 6.59
C ILE A 163 -2.92 -7.12 6.55
N HIS A 164 -3.23 -6.23 5.63
CA HIS A 164 -2.43 -5.04 5.32
C HIS A 164 -2.70 -3.97 6.38
N ARG A 165 -3.95 -3.48 6.45
CA ARG A 165 -4.49 -2.53 7.45
C ARG A 165 -4.51 -1.09 6.92
N ASP A 166 -3.67 -0.76 5.93
CA ASP A 166 -3.45 0.64 5.45
C ASP A 166 -3.37 0.66 3.90
N LEU A 167 -4.20 -0.08 3.20
CA LEU A 167 -4.21 -0.10 1.71
C LEU A 167 -4.73 1.28 1.25
N ALA A 168 -4.06 1.89 0.29
CA ALA A 168 -4.38 3.23 -0.24
C ALA A 168 -3.33 3.57 -1.32
N ALA A 169 -3.66 4.45 -2.26
CA ALA A 169 -2.75 4.77 -3.39
C ALA A 169 -1.38 5.24 -2.86
N ARG A 170 -1.30 5.81 -1.66
CA ARG A 170 -0.05 6.28 -1.02
C ARG A 170 0.86 5.11 -0.63
N ASN A 171 0.30 3.92 -0.43
CA ASN A 171 1.04 2.66 -0.14
C ASN A 171 1.03 1.78 -1.40
N ILE A 172 1.08 2.32 -2.60
CA ILE A 172 1.26 1.52 -3.86
C ILE A 172 2.36 2.18 -4.65
N LEU A 173 3.39 1.42 -5.04
CA LEU A 173 4.55 1.93 -5.81
C LEU A 173 4.45 1.47 -7.24
N LEU A 174 5.06 2.24 -8.14
CA LEU A 174 5.03 1.91 -9.57
C LEU A 174 6.50 1.68 -9.97
N THR A 175 6.79 0.68 -10.78
CA THR A 175 8.16 0.43 -11.28
C THR A 175 8.10 0.22 -12.77
N HIS A 176 9.22 -0.17 -13.37
CA HIS A 176 9.38 -0.43 -14.83
C HIS A 176 8.24 -1.32 -15.35
N GLY A 177 7.75 -1.05 -16.59
CA GLY A 177 6.60 -1.76 -17.17
C GLY A 177 5.25 -1.36 -16.60
N ARG A 178 5.16 -0.34 -15.73
CA ARG A 178 3.86 0.10 -15.11
C ARG A 178 3.36 -1.08 -14.28
N ILE A 179 4.29 -1.72 -13.58
CA ILE A 179 4.00 -2.74 -12.54
C ILE A 179 3.80 -2.02 -11.20
N THR A 180 2.68 -2.30 -10.57
CA THR A 180 2.31 -1.76 -9.25
C THR A 180 2.76 -2.75 -8.20
N LYS A 181 3.27 -2.24 -7.09
CA LYS A 181 3.73 -3.05 -5.97
C LYS A 181 3.12 -2.48 -4.70
N ILE A 182 2.33 -3.30 -4.00
CA ILE A 182 1.78 -2.96 -2.67
C ILE A 182 2.93 -2.83 -1.66
N CYS A 183 2.88 -1.80 -0.82
CA CYS A 183 3.85 -1.61 0.29
C CYS A 183 3.16 -1.13 1.58
N ASP A 184 3.98 -0.88 2.58
CA ASP A 184 3.62 -0.17 3.80
C ASP A 184 4.84 0.57 4.33
N PHE A 185 4.93 1.88 4.06
CA PHE A 185 5.96 2.82 4.54
C PHE A 185 6.08 2.68 6.09
N GLY A 186 5.02 2.23 6.78
CA GLY A 186 4.92 2.13 8.26
C GLY A 186 5.68 3.22 8.99
N LEU A 187 6.71 2.86 9.77
CA LEU A 187 7.59 3.82 10.50
C LEU A 187 8.15 4.89 9.56
N ALA A 188 8.31 4.64 8.25
CA ALA A 188 8.87 5.69 7.38
C ALA A 188 7.75 6.60 6.83
N ARG A 189 6.55 6.61 7.39
CA ARG A 189 5.62 7.72 7.06
C ARG A 189 5.28 8.59 8.26
N ASP A 190 5.47 9.90 8.07
CA ASP A 190 5.04 10.96 9.02
C ASP A 190 3.51 11.04 9.05
N ILE A 191 2.84 10.22 9.85
CA ILE A 191 1.36 10.31 9.96
C ILE A 191 0.97 11.58 10.73
N LYS A 192 1.90 12.28 11.38
CA LYS A 192 1.60 13.52 12.16
C LYS A 192 1.25 14.70 11.21
N ASN A 193 1.87 14.82 10.04
CA ASN A 193 1.73 16.03 9.17
C ASN A 193 0.96 15.65 7.90
N ASP A 194 0.43 14.43 7.84
CA ASP A 194 -0.45 14.00 6.75
C ASP A 194 -1.88 13.99 7.31
N SER A 195 -2.67 14.99 6.91
CA SER A 195 -4.09 15.17 7.33
C SER A 195 -5.00 14.02 6.84
N ASN A 196 -4.50 13.09 6.01
CA ASN A 196 -5.22 11.84 5.67
C ASN A 196 -5.20 10.89 6.87
N TYR A 197 -4.33 11.13 7.85
CA TYR A 197 -4.35 10.45 9.16
C TYR A 197 -4.99 11.42 10.16
N VAL A 198 -5.81 10.96 11.11
CA VAL A 198 -6.70 11.81 11.93
C VAL A 198 -6.74 11.23 13.35
N VAL A 199 -6.75 12.05 14.39
CA VAL A 199 -6.77 11.53 15.79
C VAL A 199 -8.15 10.89 16.05
N LYS A 200 -8.15 9.58 16.31
CA LYS A 200 -9.27 8.82 16.95
C LYS A 200 -8.73 8.08 18.19
N GLY A 201 -9.24 8.38 19.37
CA GLY A 201 -8.64 7.94 20.65
C GLY A 201 -7.15 8.22 20.66
N ASN A 202 -6.33 7.29 21.15
CA ASN A 202 -4.88 7.55 21.35
C ASN A 202 -4.12 7.23 20.06
N ALA A 203 -4.80 7.01 18.95
CA ALA A 203 -4.18 6.60 17.65
C ALA A 203 -4.37 7.69 16.57
N ARG A 204 -3.48 7.71 15.57
CA ARG A 204 -3.62 8.53 14.32
CA ARG A 204 -3.62 8.53 14.32
C ARG A 204 -3.88 7.58 13.14
N LEU A 205 -5.12 7.57 12.61
CA LEU A 205 -5.65 6.50 11.70
C LEU A 205 -6.16 7.03 10.35
N PRO A 206 -6.11 6.22 9.27
CA PRO A 206 -6.65 6.62 7.98
C PRO A 206 -8.17 6.37 7.82
N VAL A 207 -8.95 7.19 8.52
CA VAL A 207 -10.43 6.99 8.71
C VAL A 207 -11.15 6.92 7.35
N LYS A 208 -10.78 7.77 6.40
CA LYS A 208 -11.56 7.87 5.13
C LYS A 208 -11.43 6.58 4.31
N TRP A 209 -10.49 5.70 4.68
CA TRP A 209 -10.20 4.43 3.96
C TRP A 209 -10.68 3.22 4.73
N MET A 210 -11.16 3.38 5.97
CA MET A 210 -11.43 2.27 6.95
C MET A 210 -12.93 1.89 6.94
N ALA A 211 -13.18 0.59 7.07
CA ALA A 211 -14.50 -0.03 7.27
C ALA A 211 -15.06 0.40 8.62
N PRO A 212 -16.40 0.53 8.78
CA PRO A 212 -17.02 0.73 10.10
C PRO A 212 -16.38 -0.04 11.27
N GLU A 213 -16.12 -1.33 11.08
CA GLU A 213 -15.82 -2.25 12.21
C GLU A 213 -14.38 -2.01 12.69
N SER A 214 -13.51 -1.43 11.84
CA SER A 214 -12.15 -0.95 12.23
C SER A 214 -12.27 0.40 12.96
N ILE A 215 -13.18 1.26 12.51
CA ILE A 215 -13.31 2.64 13.08
C ILE A 215 -13.96 2.48 14.45
N PHE A 216 -15.07 1.75 14.54
CA PHE A 216 -15.86 1.67 15.78
C PHE A 216 -15.33 0.56 16.70
N ASN A 217 -14.76 -0.56 16.23
CA ASN A 217 -14.32 -1.58 17.22
C ASN A 217 -12.83 -1.88 17.14
N CYS A 218 -12.04 -1.20 16.30
CA CYS A 218 -10.59 -1.46 16.16
C CYS A 218 -10.35 -2.95 15.82
N VAL A 219 -11.13 -3.51 14.88
CA VAL A 219 -10.92 -4.91 14.40
C VAL A 219 -10.59 -4.84 12.92
N TYR A 220 -9.53 -5.54 12.56
CA TYR A 220 -8.98 -5.68 11.20
C TYR A 220 -9.17 -7.12 10.78
N THR A 221 -9.77 -7.30 9.61
CA THR A 221 -9.98 -8.60 8.94
C THR A 221 -9.57 -8.51 7.46
N PHE A 222 -9.67 -9.65 6.79
CA PHE A 222 -9.58 -9.83 5.31
C PHE A 222 -10.66 -8.95 4.66
N GLU A 223 -11.80 -8.80 5.33
CA GLU A 223 -12.98 -8.09 4.78
C GLU A 223 -12.81 -6.58 5.02
N SER A 224 -12.04 -6.14 6.01
CA SER A 224 -11.81 -4.69 6.20
C SER A 224 -10.88 -4.17 5.07
N ASP A 225 -9.88 -4.97 4.63
CA ASP A 225 -8.93 -4.70 3.50
C ASP A 225 -9.69 -4.52 2.16
N VAL A 226 -10.77 -5.26 1.92
CA VAL A 226 -11.63 -5.09 0.70
C VAL A 226 -12.33 -3.71 0.72
N TRP A 227 -12.76 -3.20 1.89
CA TRP A 227 -13.35 -1.84 1.94
C TRP A 227 -12.29 -0.82 1.46
N SER A 228 -11.08 -0.82 2.01
CA SER A 228 -10.02 0.12 1.60
C SER A 228 -9.77 0.00 0.09
N TYR A 229 -9.85 -1.19 -0.47
CA TYR A 229 -9.59 -1.37 -1.92
C TYR A 229 -10.63 -0.59 -2.73
N GLY A 230 -11.89 -0.62 -2.25
CA GLY A 230 -12.97 0.14 -2.87
C GLY A 230 -12.63 1.61 -2.89
N ILE A 231 -12.17 2.16 -1.79
CA ILE A 231 -11.75 3.58 -1.67
C ILE A 231 -10.55 3.89 -2.61
N PHE A 232 -9.55 3.00 -2.66
CA PHE A 232 -8.42 3.00 -3.64
C PHE A 232 -8.99 3.13 -5.07
N LEU A 233 -9.95 2.27 -5.43
CA LEU A 233 -10.61 2.36 -6.78
C LEU A 233 -11.19 3.77 -7.01
N TRP A 234 -11.78 4.43 -6.00
CA TRP A 234 -12.28 5.81 -6.21
C TRP A 234 -11.10 6.80 -6.45
N GLU A 235 -10.06 6.76 -5.60
CA GLU A 235 -8.84 7.55 -5.83
C GLU A 235 -8.31 7.29 -7.26
N LEU A 236 -8.19 6.02 -7.65
CA LEU A 236 -7.61 5.58 -8.94
C LEU A 236 -8.38 6.27 -10.08
N PHE A 237 -9.73 6.16 -10.11
CA PHE A 237 -10.51 6.62 -11.30
C PHE A 237 -10.85 8.11 -11.20
N SER A 238 -10.52 8.72 -10.07
CA SER A 238 -10.54 10.19 -9.96
C SER A 238 -9.11 10.76 -10.07
N LEU A 239 -8.11 9.99 -10.51
CA LEU A 239 -6.73 10.52 -10.74
C LEU A 239 -6.14 11.20 -9.49
N GLY A 240 -6.35 10.58 -8.32
CA GLY A 240 -5.64 10.96 -7.07
C GLY A 240 -6.33 12.04 -6.25
N SER A 241 -7.59 12.40 -6.51
CA SER A 241 -8.35 13.32 -5.62
C SER A 241 -8.50 12.67 -4.23
N SER A 242 -8.62 13.48 -3.17
CA SER A 242 -8.91 12.99 -1.80
C SER A 242 -10.34 12.49 -1.79
N PRO A 243 -10.60 11.34 -1.15
CA PRO A 243 -11.94 10.77 -1.07
C PRO A 243 -12.83 11.62 -0.14
N TYR A 244 -14.16 11.56 -0.37
CA TYR A 244 -15.23 12.39 0.25
C TYR A 244 -14.75 13.84 0.24
N PRO A 245 -14.54 14.43 -0.97
CA PRO A 245 -14.01 15.79 -1.09
C PRO A 245 -14.86 16.83 -0.34
N GLY A 246 -14.18 17.83 0.22
CA GLY A 246 -14.78 19.02 0.86
C GLY A 246 -15.33 18.70 2.24
N MET A 247 -14.92 17.60 2.87
CA MET A 247 -15.63 16.97 4.04
C MET A 247 -14.64 16.55 5.13
N PRO A 248 -14.60 17.24 6.29
CA PRO A 248 -13.68 16.85 7.35
C PRO A 248 -14.15 15.59 8.10
N VAL A 249 -13.18 14.89 8.71
CA VAL A 249 -13.43 13.74 9.61
C VAL A 249 -13.66 14.31 11.01
N ASP A 250 -14.91 14.20 11.47
CA ASP A 250 -15.46 14.67 12.78
C ASP A 250 -16.69 13.80 13.12
N SER A 251 -17.48 14.15 14.15
CA SER A 251 -18.74 13.45 14.53
C SER A 251 -19.66 13.27 13.31
N LYS A 252 -19.88 14.32 12.50
CA LYS A 252 -20.79 14.33 11.32
C LYS A 252 -20.42 13.23 10.30
N PHE A 253 -19.12 12.99 10.07
CA PHE A 253 -18.56 12.01 9.10
C PHE A 253 -18.84 10.55 9.54
N TYR A 254 -18.44 10.24 10.77
CA TYR A 254 -18.73 8.96 11.46
C TYR A 254 -20.26 8.68 11.35
N LYS A 255 -21.08 9.71 11.56
CA LYS A 255 -22.57 9.67 11.48
C LYS A 255 -23.04 9.34 10.06
N MET A 256 -22.60 10.08 9.03
CA MET A 256 -23.06 9.82 7.64
C MET A 256 -22.53 8.47 7.11
N ILE A 257 -21.41 7.92 7.59
CA ILE A 257 -20.90 6.59 7.14
C ILE A 257 -21.83 5.51 7.70
N LYS A 258 -22.21 5.72 8.96
CA LYS A 258 -23.17 4.90 9.77
C LYS A 258 -24.58 4.91 9.15
N GLU A 259 -25.06 6.09 8.69
CA GLU A 259 -26.40 6.33 8.05
C GLU A 259 -26.50 5.72 6.64
N GLY A 260 -25.36 5.36 6.00
CA GLY A 260 -25.31 4.73 4.66
C GLY A 260 -25.06 5.73 3.53
N PHE A 261 -24.36 6.83 3.81
CA PHE A 261 -23.90 7.74 2.75
C PHE A 261 -22.64 7.09 2.14
N ARG A 262 -22.55 7.16 0.80
CA ARG A 262 -21.45 6.59 -0.02
C ARG A 262 -21.08 7.60 -1.13
N MET A 263 -19.86 7.49 -1.67
CA MET A 263 -19.43 8.38 -2.79
C MET A 263 -20.16 7.97 -4.08
N LEU A 264 -20.50 8.97 -4.88
CA LEU A 264 -20.88 8.83 -6.31
C LEU A 264 -19.66 8.40 -7.15
N SER A 265 -19.92 7.99 -8.39
CA SER A 265 -18.90 7.55 -9.36
C SER A 265 -17.90 8.69 -9.61
N PRO A 266 -16.56 8.42 -9.63
CA PRO A 266 -15.60 9.41 -10.07
C PRO A 266 -15.82 9.61 -11.56
N GLU A 267 -15.40 10.76 -12.09
CA GLU A 267 -15.70 11.19 -13.49
C GLU A 267 -15.21 10.13 -14.50
N HIS A 268 -14.10 9.41 -14.23
CA HIS A 268 -13.42 8.53 -15.23
C HIS A 268 -13.61 7.04 -14.97
N ALA A 269 -14.54 6.61 -14.13
CA ALA A 269 -14.71 5.20 -13.74
C ALA A 269 -15.75 4.58 -14.67
N PRO A 270 -15.40 3.53 -15.43
CA PRO A 270 -16.42 2.76 -16.12
C PRO A 270 -17.46 2.22 -15.12
N ALA A 271 -18.72 2.10 -15.55
CA ALA A 271 -19.91 1.66 -14.76
C ALA A 271 -19.62 0.39 -13.95
N GLU A 272 -19.01 -0.61 -14.62
CA GLU A 272 -18.58 -1.93 -14.06
C GLU A 272 -17.59 -1.71 -12.91
N MET A 273 -16.75 -0.69 -12.97
CA MET A 273 -15.74 -0.47 -11.91
C MET A 273 -16.41 0.25 -10.71
N TYR A 274 -17.38 1.14 -10.97
CA TYR A 274 -18.12 1.82 -9.88
C TYR A 274 -18.92 0.76 -9.13
N ASP A 275 -19.38 -0.26 -9.84
CA ASP A 275 -20.24 -1.35 -9.31
C ASP A 275 -19.40 -2.20 -8.35
N ILE A 276 -18.14 -2.46 -8.69
CA ILE A 276 -17.25 -3.17 -7.73
C ILE A 276 -17.01 -2.29 -6.49
N MET A 277 -16.72 -0.99 -6.63
CA MET A 277 -16.50 -0.06 -5.48
C MET A 277 -17.63 -0.21 -4.44
N LYS A 278 -18.88 -0.16 -4.93
CA LYS A 278 -20.12 -0.14 -4.09
C LYS A 278 -20.34 -1.48 -3.38
N THR A 279 -19.98 -2.61 -3.99
CA THR A 279 -20.06 -3.93 -3.29
C THR A 279 -19.03 -3.98 -2.17
N CYS A 280 -17.90 -3.29 -2.34
CA CYS A 280 -16.78 -3.21 -1.36
C CYS A 280 -17.24 -2.34 -0.18
N TRP A 281 -18.16 -1.38 -0.37
CA TRP A 281 -18.64 -0.44 0.69
C TRP A 281 -19.94 -0.94 1.28
N ASP A 282 -20.05 -2.23 1.54
CA ASP A 282 -21.22 -2.80 2.21
C ASP A 282 -20.93 -2.79 3.70
N ALA A 283 -21.90 -2.30 4.52
CA ALA A 283 -21.79 -2.34 5.99
C ALA A 283 -21.61 -3.78 6.46
N ASP A 284 -22.27 -4.73 5.78
CA ASP A 284 -22.18 -6.17 6.15
C ASP A 284 -20.90 -6.74 5.55
N PRO A 285 -19.87 -7.01 6.38
CA PRO A 285 -18.60 -7.51 5.88
C PRO A 285 -18.77 -8.73 4.99
N LEU A 286 -19.78 -9.55 5.31
CA LEU A 286 -20.00 -10.89 4.71
C LEU A 286 -20.56 -10.71 3.30
N LYS A 287 -21.03 -9.52 2.94
CA LYS A 287 -21.64 -9.24 1.61
C LYS A 287 -20.59 -8.70 0.63
N ARG A 288 -19.44 -8.26 1.12
CA ARG A 288 -18.31 -7.74 0.31
C ARG A 288 -17.72 -8.92 -0.46
N PRO A 289 -17.17 -8.71 -1.67
CA PRO A 289 -16.51 -9.79 -2.38
C PRO A 289 -15.18 -10.08 -1.72
N THR A 290 -14.64 -11.27 -1.92
CA THR A 290 -13.19 -11.49 -1.70
C THR A 290 -12.33 -10.89 -2.84
N PHE A 291 -11.06 -10.71 -2.56
CA PHE A 291 -10.07 -10.31 -3.59
C PHE A 291 -10.00 -11.35 -4.71
N LYS A 292 -10.06 -12.65 -4.40
CA LYS A 292 -10.10 -13.70 -5.44
C LYS A 292 -11.26 -13.43 -6.43
N GLN A 293 -12.43 -13.07 -5.93
CA GLN A 293 -13.63 -12.87 -6.79
C GLN A 293 -13.49 -11.57 -7.57
N ILE A 294 -12.82 -10.57 -7.00
CA ILE A 294 -12.61 -9.26 -7.69
C ILE A 294 -11.70 -9.48 -8.92
N VAL A 295 -10.62 -10.25 -8.76
CA VAL A 295 -9.65 -10.58 -9.85
C VAL A 295 -10.48 -11.15 -11.01
N GLN A 296 -11.27 -12.18 -10.75
CA GLN A 296 -12.10 -12.86 -11.78
C GLN A 296 -13.02 -11.86 -12.50
N LEU A 297 -13.72 -10.98 -11.79
CA LEU A 297 -14.61 -9.97 -12.43
C LEU A 297 -13.80 -9.04 -13.33
N ILE A 298 -12.65 -8.57 -12.81
CA ILE A 298 -11.84 -7.56 -13.53
C ILE A 298 -11.27 -8.20 -14.80
N GLU A 299 -10.99 -9.52 -14.78
CA GLU A 299 -10.24 -10.22 -15.85
C GLU A 299 -11.03 -10.15 -17.14
N LYS A 300 -12.37 -10.10 -16.98
CA LYS A 300 -13.40 -10.09 -18.06
C LYS A 300 -13.48 -8.71 -18.74
N GLN A 301 -13.61 -7.63 -17.95
CA GLN A 301 -13.53 -6.20 -18.42
C GLN A 301 -12.28 -5.90 -19.32
N ILE A 302 -11.21 -6.71 -19.29
CA ILE A 302 -9.95 -6.59 -20.11
C ILE A 302 -9.99 -7.57 -21.30
N SER A 303 -10.99 -7.45 -22.18
CA SER A 303 -11.19 -8.28 -23.40
C SER A 303 -12.49 -7.85 -24.12
#